data_9I3Y
#
_entry.id   9I3Y
#
_cell.length_a   89.864
_cell.length_b   126.920
_cell.length_c   62.749
_cell.angle_alpha   90.000
_cell.angle_beta   90.000
_cell.angle_gamma   90.000
#
_symmetry.space_group_name_H-M   'C 2 2 21'
#
loop_
_entity.id
_entity.type
_entity.pdbx_description
1 polymer 'Monoglyceride lipase'
2 non-polymer 2-[4-[(2-pyridin-3-yl-1,3-benzoxazol-6-yl)carbonyl]piperazin-1-yl]-3~{H}-quinazolin-4-one
3 non-polymer 1,2-ETHANEDIOL
4 water water
#
_entity_poly.entity_id   1
_entity_poly.type   'polypeptide(L)'
_entity_poly.pdbx_seq_one_letter_code
;MGSSHHHHHHSSGENLYFQGMPEESSPRRTPQSIPYQDLPHLVNADGQYLFCRYWAPTGTPKALIFVSHGAGEHSGRYEE
LARMLMGLDLLVFAHDHVGHGQSEGERMVVSDFHVFVRDVLQHVDSMQKDYPGLPVFLLGHSMGGAIAILTAAERPGHFA
GMVLISPLVLANPESATTFKVLAAKVLNSVLPNLSSGPIDSSVLSRNKTEVDIYNSDPLICRAGLKVCFGIQLLNAVSRV
ERALPKLTVPFLLLQGSADRLCDSKGAYLLMELAKSQDKTLKIYEGAYHVLHKELPEVTNSVFHEINMWVSQRTATAGTA
SPP
;
_entity_poly.pdbx_strand_id   A
#
# COMPACT_ATOMS: atom_id res chain seq x y z
N SER A 26 14.42 -18.72 -23.48
CA SER A 26 14.55 -18.91 -22.03
C SER A 26 13.49 -18.13 -21.26
N PRO A 27 12.90 -18.76 -20.26
CA PRO A 27 11.71 -18.17 -19.60
C PRO A 27 12.03 -16.87 -18.89
N ARG A 28 11.03 -15.97 -18.87
CA ARG A 28 11.10 -14.79 -18.02
C ARG A 28 11.10 -15.23 -16.57
N ARG A 29 12.02 -14.67 -15.79
CA ARG A 29 12.19 -15.06 -14.39
C ARG A 29 12.06 -13.85 -13.49
N THR A 30 11.66 -14.10 -12.23
CA THR A 30 11.62 -13.06 -11.21
C THR A 30 13.03 -12.54 -10.99
N PRO A 31 13.20 -11.42 -10.27
CA PRO A 31 14.56 -11.00 -9.91
C PRO A 31 15.29 -12.01 -9.05
N GLN A 32 14.56 -12.97 -8.47
CA GLN A 32 15.15 -14.05 -7.68
C GLN A 32 15.30 -15.34 -8.49
N SER A 33 15.20 -15.27 -9.81
CA SER A 33 15.51 -16.35 -10.76
C SER A 33 14.45 -17.44 -10.86
N ILE A 34 13.23 -17.19 -10.41
CA ILE A 34 12.15 -18.18 -10.51
C ILE A 34 11.37 -17.89 -11.80
N PRO A 35 11.16 -18.88 -12.67
CA PRO A 35 10.37 -18.63 -13.88
C PRO A 35 8.95 -18.20 -13.50
N TYR A 36 8.47 -17.13 -14.16
CA TYR A 36 7.10 -16.69 -13.94
C TYR A 36 6.09 -17.76 -14.33
N GLN A 37 6.46 -18.65 -15.25
CA GLN A 37 5.56 -19.76 -15.60
C GLN A 37 5.29 -20.67 -14.41
N ASP A 38 6.10 -20.58 -13.36
CA ASP A 38 5.90 -21.36 -12.15
C ASP A 38 5.16 -20.59 -11.04
N LEU A 39 4.66 -19.39 -11.33
CA LEU A 39 4.10 -18.54 -10.29
C LEU A 39 2.84 -17.83 -10.79
N PRO A 40 1.89 -17.55 -9.90
CA PRO A 40 0.77 -16.69 -10.32
C PRO A 40 1.30 -15.32 -10.73
N HIS A 41 0.77 -14.80 -11.83
CA HIS A 41 1.35 -13.59 -12.39
C HIS A 41 0.36 -12.87 -13.27
N LEU A 42 0.73 -11.66 -13.66
CA LEU A 42 -0.03 -10.77 -14.51
C LEU A 42 0.98 -9.90 -15.23
N VAL A 43 0.79 -9.65 -16.53
CA VAL A 43 1.67 -8.77 -17.28
C VAL A 43 1.01 -7.40 -17.40
N ASN A 44 1.74 -6.35 -16.99
CA ASN A 44 1.14 -5.03 -16.97
C ASN A 44 1.20 -4.36 -18.34
N ALA A 45 0.68 -3.12 -18.40
CA ALA A 45 0.57 -2.41 -19.67
C ALA A 45 1.94 -2.10 -20.29
N ASP A 46 3.00 -2.08 -19.48
CA ASP A 46 4.36 -1.86 -19.97
C ASP A 46 5.08 -3.17 -20.28
N GLY A 47 4.38 -4.29 -20.27
CA GLY A 47 5.02 -5.58 -20.56
C GLY A 47 5.83 -6.17 -19.42
N GLN A 48 5.66 -5.67 -18.20
CA GLN A 48 6.40 -6.16 -17.04
C GLN A 48 5.57 -7.18 -16.28
N TYR A 49 6.22 -8.26 -15.86
CA TYR A 49 5.52 -9.30 -15.11
C TYR A 49 5.37 -8.88 -13.66
N LEU A 50 4.16 -8.99 -13.14
CA LEU A 50 3.91 -8.77 -11.73
C LEU A 50 3.60 -10.10 -11.06
N PHE A 51 4.25 -10.37 -9.93
CA PHE A 51 3.98 -11.57 -9.14
C PHE A 51 2.67 -11.38 -8.37
N CYS A 52 1.79 -12.39 -8.40
CA CYS A 52 0.48 -12.27 -7.77
C CYS A 52 0.28 -13.28 -6.65
N ARG A 53 -0.64 -12.94 -5.73
CA ARG A 53 -1.02 -13.82 -4.64
C ARG A 53 -2.54 -13.87 -4.52
N TYR A 54 -3.07 -15.03 -4.15
CA TYR A 54 -4.50 -15.21 -3.98
C TYR A 54 -4.79 -16.02 -2.73
N TRP A 55 -5.85 -15.64 -2.02
CA TRP A 55 -6.33 -16.37 -0.85
C TRP A 55 -7.85 -16.45 -0.99
N ALA A 56 -8.34 -17.60 -1.44
CA ALA A 56 -9.75 -17.75 -1.75
C ALA A 56 -10.42 -18.70 -0.78
N PRO A 57 -11.65 -18.41 -0.35
CA PRO A 57 -12.36 -19.31 0.57
C PRO A 57 -12.84 -20.55 -0.17
N THR A 58 -13.21 -21.56 0.62
CA THR A 58 -13.74 -22.79 0.04
C THR A 58 -15.14 -22.59 -0.51
N GLY A 59 -15.92 -21.70 0.09
CA GLY A 59 -17.26 -21.39 -0.38
C GLY A 59 -17.27 -20.24 -1.37
N THR A 60 -18.48 -19.83 -1.74
CA THR A 60 -18.63 -18.73 -2.67
C THR A 60 -18.24 -17.42 -1.98
N PRO A 61 -17.38 -16.61 -2.59
CA PRO A 61 -16.93 -15.39 -1.92
C PRO A 61 -18.05 -14.38 -1.77
N LYS A 62 -18.00 -13.64 -0.68
CA LYS A 62 -18.94 -12.53 -0.46
C LYS A 62 -18.47 -11.24 -1.11
N ALA A 63 -17.17 -11.09 -1.34
CA ALA A 63 -16.61 -9.87 -1.92
C ALA A 63 -15.17 -10.17 -2.30
N LEU A 64 -14.58 -9.24 -3.06
CA LEU A 64 -13.16 -9.26 -3.39
C LEU A 64 -12.46 -8.16 -2.61
N ILE A 65 -11.20 -8.39 -2.24
CA ILE A 65 -10.42 -7.33 -1.61
C ILE A 65 -8.99 -7.41 -2.11
N PHE A 66 -8.49 -6.28 -2.62
CA PHE A 66 -7.11 -6.16 -3.07
C PHE A 66 -6.25 -5.56 -1.96
N VAL A 67 -5.09 -6.18 -1.72
CA VAL A 67 -4.13 -5.72 -0.71
C VAL A 67 -2.97 -5.04 -1.43
N SER A 68 -2.73 -3.78 -1.07
CA SER A 68 -1.75 -2.91 -1.70
C SER A 68 -0.62 -2.64 -0.71
N HIS A 69 0.54 -3.23 -0.97
CA HIS A 69 1.68 -3.08 -0.07
C HIS A 69 2.38 -1.74 -0.30
N GLY A 70 3.32 -1.42 0.59
CA GLY A 70 4.01 -0.15 0.57
C GLY A 70 5.41 -0.22 -0.05
N ALA A 71 6.12 0.90 0.04
CA ALA A 71 7.42 1.03 -0.60
C ALA A 71 8.45 0.17 0.10
N GLY A 72 9.27 -0.51 -0.71
CA GLY A 72 10.34 -1.33 -0.21
C GLY A 72 9.95 -2.72 0.25
N GLU A 73 8.66 -2.99 0.43
CA GLU A 73 8.21 -4.28 0.91
C GLU A 73 7.57 -5.08 -0.23
N HIS A 74 6.67 -6.01 0.11
CA HIS A 74 6.06 -6.86 -0.90
C HIS A 74 4.80 -7.47 -0.29
N SER A 75 4.04 -8.17 -1.13
CA SER A 75 2.72 -8.64 -0.73
C SER A 75 2.77 -9.73 0.34
N GLY A 76 3.90 -10.45 0.46
CA GLY A 76 3.99 -11.52 1.43
C GLY A 76 3.94 -11.06 2.87
N ARG A 77 4.17 -9.77 3.12
CA ARG A 77 4.06 -9.21 4.47
C ARG A 77 2.64 -9.32 5.01
N TYR A 78 1.65 -9.54 4.15
CA TYR A 78 0.23 -9.45 4.48
C TYR A 78 -0.41 -10.82 4.65
N GLU A 79 0.41 -11.87 4.75
CA GLU A 79 -0.08 -13.25 4.81
C GLU A 79 -1.14 -13.43 5.90
N GLU A 80 -0.82 -13.01 7.13
CA GLU A 80 -1.76 -13.24 8.23
C GLU A 80 -3.03 -12.43 8.05
N LEU A 81 -2.90 -11.17 7.67
CA LEU A 81 -4.09 -10.33 7.47
C LEU A 81 -4.94 -10.87 6.33
N ALA A 82 -4.31 -11.33 5.25
CA ALA A 82 -5.06 -11.92 4.15
C ALA A 82 -5.81 -13.17 4.59
N ARG A 83 -5.16 -14.01 5.39
CA ARG A 83 -5.83 -15.23 5.85
C ARG A 83 -7.00 -14.91 6.77
N MET A 84 -6.90 -13.85 7.57
CA MET A 84 -8.04 -13.42 8.37
C MET A 84 -9.20 -13.02 7.45
N LEU A 85 -8.89 -12.23 6.41
CA LEU A 85 -9.94 -11.77 5.51
C LEU A 85 -10.58 -12.92 4.76
N MET A 86 -9.75 -13.85 4.26
CA MET A 86 -10.29 -15.04 3.61
CA MET A 86 -10.29 -15.05 3.62
C MET A 86 -11.19 -15.82 4.56
N GLY A 87 -10.90 -15.81 5.86
CA GLY A 87 -11.76 -16.45 6.84
C GLY A 87 -13.13 -15.81 6.97
N LEU A 88 -13.27 -14.55 6.55
CA LEU A 88 -14.58 -13.90 6.47
C LEU A 88 -15.27 -14.18 5.15
N ASP A 89 -14.75 -15.11 4.35
CA ASP A 89 -15.30 -15.50 3.06
C ASP A 89 -15.11 -14.43 1.98
N LEU A 90 -14.10 -13.59 2.12
CA LEU A 90 -13.68 -12.72 1.03
C LEU A 90 -12.58 -13.41 0.24
N LEU A 91 -12.53 -13.12 -1.05
CA LEU A 91 -11.43 -13.55 -1.90
C LEU A 91 -10.40 -12.43 -1.90
N VAL A 92 -9.24 -12.68 -1.28
CA VAL A 92 -8.18 -11.69 -1.16
C VAL A 92 -7.20 -11.89 -2.30
N PHE A 93 -6.74 -10.78 -2.89
CA PHE A 93 -5.74 -10.85 -3.94
C PHE A 93 -4.78 -9.69 -3.83
N ALA A 94 -3.59 -9.86 -4.40
CA ALA A 94 -2.53 -8.88 -4.30
C ALA A 94 -1.54 -9.11 -5.43
N HIS A 95 -0.68 -8.12 -5.65
CA HIS A 95 0.52 -8.33 -6.44
C HIS A 95 1.65 -7.50 -5.85
N ASP A 96 2.88 -7.85 -6.20
CA ASP A 96 4.00 -6.99 -5.86
C ASP A 96 4.04 -5.86 -6.88
N HIS A 97 4.06 -4.62 -6.40
CA HIS A 97 4.14 -3.48 -7.30
C HIS A 97 5.43 -3.56 -8.12
N VAL A 98 5.42 -2.89 -9.28
CA VAL A 98 6.62 -2.86 -10.10
CA VAL A 98 6.61 -2.80 -10.11
C VAL A 98 7.80 -2.37 -9.26
N GLY A 99 8.96 -2.97 -9.51
CA GLY A 99 10.15 -2.64 -8.77
C GLY A 99 10.21 -3.19 -7.37
N HIS A 100 9.28 -4.08 -7.00
CA HIS A 100 9.21 -4.62 -5.64
C HIS A 100 9.12 -6.13 -5.65
N GLY A 101 9.62 -6.74 -4.56
CA GLY A 101 9.39 -8.15 -4.30
C GLY A 101 9.75 -9.05 -5.46
N GLN A 102 8.78 -9.85 -5.91
CA GLN A 102 9.02 -10.83 -6.97
C GLN A 102 8.58 -10.34 -8.34
N SER A 103 8.14 -9.08 -8.45
CA SER A 103 7.78 -8.52 -9.73
C SER A 103 9.01 -7.98 -10.44
N GLU A 104 8.86 -7.69 -11.73
CA GLU A 104 9.96 -7.14 -12.51
C GLU A 104 10.11 -5.65 -12.26
N GLY A 105 11.17 -5.09 -12.82
CA GLY A 105 11.43 -3.67 -12.77
C GLY A 105 12.65 -3.38 -11.92
N GLU A 106 13.42 -2.37 -12.33
CA GLU A 106 14.50 -1.87 -11.50
C GLU A 106 13.97 -1.56 -10.10
N ARG A 107 14.72 -1.98 -9.08
CA ARG A 107 14.21 -1.93 -7.72
C ARG A 107 13.92 -0.50 -7.30
N MET A 108 12.72 -0.28 -6.78
CA MET A 108 12.30 1.00 -6.22
CA MET A 108 12.35 1.01 -6.21
C MET A 108 12.48 2.14 -7.22
N VAL A 109 12.14 1.89 -8.47
N VAL A 109 12.11 1.87 -8.47
CA VAL A 109 12.00 2.94 -9.47
CA VAL A 109 12.03 2.86 -9.53
C VAL A 109 10.63 2.81 -10.10
C VAL A 109 10.63 2.80 -10.12
N VAL A 110 10.07 3.94 -10.50
CA VAL A 110 8.78 3.96 -11.18
C VAL A 110 8.76 5.17 -12.11
N SER A 111 8.31 4.96 -13.36
CA SER A 111 8.32 6.04 -14.34
C SER A 111 7.41 7.17 -13.90
N ASP A 112 6.26 6.83 -13.32
CA ASP A 112 5.37 7.80 -12.73
C ASP A 112 4.51 7.06 -11.72
N PHE A 113 4.21 7.71 -10.60
CA PHE A 113 3.49 7.03 -9.53
C PHE A 113 2.19 6.40 -10.01
N HIS A 114 1.57 6.97 -11.05
CA HIS A 114 0.30 6.42 -11.52
C HIS A 114 0.44 5.00 -12.08
N VAL A 115 1.64 4.58 -12.45
CA VAL A 115 1.86 3.18 -12.85
C VAL A 115 1.30 2.23 -11.81
N PHE A 116 1.57 2.50 -10.52
CA PHE A 116 1.08 1.63 -9.46
C PHE A 116 -0.45 1.56 -9.48
N VAL A 117 -1.10 2.70 -9.68
CA VAL A 117 -2.57 2.75 -9.68
C VAL A 117 -3.11 2.03 -10.90
N ARG A 118 -2.56 2.33 -12.07
CA ARG A 118 -2.94 1.64 -13.31
C ARG A 118 -2.86 0.13 -13.13
N ASP A 119 -1.79 -0.36 -12.51
CA ASP A 119 -1.61 -1.81 -12.39
C ASP A 119 -2.60 -2.41 -11.41
N VAL A 120 -2.90 -1.71 -10.30
CA VAL A 120 -3.95 -2.17 -9.41
C VAL A 120 -5.28 -2.29 -10.16
N LEU A 121 -5.61 -1.27 -10.96
CA LEU A 121 -6.88 -1.30 -11.68
C LEU A 121 -6.94 -2.45 -12.69
N GLN A 122 -5.81 -2.75 -13.34
CA GLN A 122 -5.78 -3.89 -14.25
C GLN A 122 -6.10 -5.18 -13.52
N HIS A 123 -5.45 -5.40 -12.37
CA HIS A 123 -5.68 -6.63 -11.62
C HIS A 123 -7.12 -6.71 -11.12
N VAL A 124 -7.64 -5.60 -10.57
CA VAL A 124 -9.03 -5.55 -10.14
C VAL A 124 -9.97 -5.87 -11.30
N ASP A 125 -9.73 -5.22 -12.46
CA ASP A 125 -10.61 -5.46 -13.61
C ASP A 125 -10.57 -6.92 -14.04
N SER A 126 -9.38 -7.53 -14.05
CA SER A 126 -9.25 -8.94 -14.42
CA SER A 126 -9.27 -8.93 -14.43
C SER A 126 -10.01 -9.83 -13.44
N MET A 127 -9.91 -9.52 -12.15
CA MET A 127 -10.58 -10.34 -11.15
C MET A 127 -12.09 -10.17 -11.21
N GLN A 128 -12.57 -8.96 -11.48
CA GLN A 128 -14.01 -8.77 -11.60
C GLN A 128 -14.60 -9.55 -12.76
N LYS A 129 -13.80 -9.87 -13.78
CA LYS A 129 -14.29 -10.75 -14.84
C LYS A 129 -14.43 -12.18 -14.34
N ASP A 130 -13.42 -12.68 -13.63
CA ASP A 130 -13.45 -14.06 -13.15
C ASP A 130 -14.51 -14.25 -12.08
N TYR A 131 -14.82 -13.22 -11.31
CA TYR A 131 -15.78 -13.30 -10.21
C TYR A 131 -16.74 -12.12 -10.32
N PRO A 132 -17.59 -12.11 -11.35
CA PRO A 132 -18.44 -10.95 -11.60
C PRO A 132 -19.54 -10.83 -10.56
N GLY A 133 -20.03 -9.60 -10.40
CA GLY A 133 -21.09 -9.31 -9.46
C GLY A 133 -20.64 -9.12 -8.02
N LEU A 134 -19.36 -9.25 -7.73
CA LEU A 134 -19.00 -9.12 -6.32
C LEU A 134 -18.53 -7.71 -6.00
N PRO A 135 -18.84 -7.20 -4.81
CA PRO A 135 -18.23 -5.94 -4.37
C PRO A 135 -16.73 -6.12 -4.24
N VAL A 136 -16.00 -5.02 -4.44
CA VAL A 136 -14.54 -5.03 -4.35
CA VAL A 136 -14.54 -5.02 -4.36
C VAL A 136 -14.11 -3.98 -3.34
N PHE A 137 -13.24 -4.38 -2.43
CA PHE A 137 -12.63 -3.51 -1.43
C PHE A 137 -11.16 -3.33 -1.74
N LEU A 138 -10.56 -2.31 -1.12
CA LEU A 138 -9.13 -2.08 -1.19
C LEU A 138 -8.59 -2.02 0.23
N LEU A 139 -7.38 -2.52 0.43
CA LEU A 139 -6.67 -2.34 1.69
C LEU A 139 -5.24 -1.94 1.38
N GLY A 140 -4.77 -0.86 2.00
CA GLY A 140 -3.41 -0.40 1.72
C GLY A 140 -2.75 0.18 2.95
N HIS A 141 -1.42 0.03 3.00
CA HIS A 141 -0.59 0.55 4.09
C HIS A 141 0.46 1.48 3.50
N SER A 142 0.64 2.65 4.14
CA SER A 142 1.76 3.56 3.84
C SER A 142 1.70 3.96 2.37
N MET A 143 2.76 3.75 1.56
CA MET A 143 2.66 4.08 0.14
C MET A 143 1.49 3.34 -0.49
N GLY A 144 1.26 2.09 -0.06
CA GLY A 144 0.15 1.34 -0.58
C GLY A 144 -1.20 1.96 -0.26
N GLY A 145 -1.27 2.72 0.84
CA GLY A 145 -2.50 3.42 1.16
C GLY A 145 -2.73 4.62 0.25
N ALA A 146 -1.67 5.32 -0.13
CA ALA A 146 -1.81 6.37 -1.14
C ALA A 146 -2.27 5.79 -2.47
N ILE A 147 -1.70 4.63 -2.85
CA ILE A 147 -2.16 3.94 -4.06
C ILE A 147 -3.65 3.61 -3.95
N ALA A 148 -4.07 3.10 -2.79
CA ALA A 148 -5.48 2.75 -2.63
C ALA A 148 -6.37 3.99 -2.77
N ILE A 149 -5.98 5.10 -2.14
CA ILE A 149 -6.75 6.34 -2.25
C ILE A 149 -6.89 6.77 -3.71
N LEU A 150 -5.76 6.81 -4.43
CA LEU A 150 -5.82 7.26 -5.83
C LEU A 150 -6.57 6.28 -6.71
N THR A 151 -6.52 4.99 -6.37
CA THR A 151 -7.27 3.99 -7.13
C THR A 151 -8.78 4.22 -6.97
N ALA A 152 -9.23 4.43 -5.73
CA ALA A 152 -10.64 4.72 -5.51
C ALA A 152 -11.05 6.02 -6.19
N ALA A 153 -10.19 7.04 -6.09
CA ALA A 153 -10.54 8.34 -6.68
C ALA A 153 -10.73 8.24 -8.19
N GLU A 154 -10.02 7.32 -8.84
CA GLU A 154 -10.13 7.17 -10.29
C GLU A 154 -11.43 6.51 -10.71
N ARG A 155 -12.06 5.74 -9.82
CA ARG A 155 -13.30 5.03 -10.11
C ARG A 155 -14.33 5.39 -9.04
N PRO A 156 -14.79 6.63 -9.01
CA PRO A 156 -15.76 7.02 -7.98
C PRO A 156 -17.02 6.16 -8.07
N GLY A 157 -17.44 5.66 -6.92
CA GLY A 157 -18.64 4.85 -6.84
C GLY A 157 -18.46 3.38 -7.11
N HIS A 158 -17.26 2.94 -7.52
CA HIS A 158 -17.11 1.54 -7.92
C HIS A 158 -16.62 0.64 -6.79
N PHE A 159 -15.84 1.15 -5.85
CA PHE A 159 -15.34 0.31 -4.78
C PHE A 159 -16.28 0.35 -3.57
N ALA A 160 -16.44 -0.80 -2.93
CA ALA A 160 -17.33 -0.90 -1.77
C ALA A 160 -16.74 -0.29 -0.52
N GLY A 161 -15.42 -0.23 -0.42
CA GLY A 161 -14.79 0.27 0.78
C GLY A 161 -13.28 0.18 0.67
N MET A 162 -12.62 0.88 1.58
CA MET A 162 -11.18 1.02 1.58
C MET A 162 -10.72 0.96 3.03
N VAL A 163 -9.76 0.09 3.33
CA VAL A 163 -9.14 0.00 4.64
C VAL A 163 -7.74 0.59 4.52
N LEU A 164 -7.45 1.61 5.32
CA LEU A 164 -6.18 2.33 5.24
C LEU A 164 -5.42 2.18 6.54
N ILE A 165 -4.23 1.61 6.48
CA ILE A 165 -3.34 1.47 7.63
C ILE A 165 -2.21 2.47 7.44
N SER A 166 -2.22 3.55 8.23
CA SER A 166 -1.24 4.63 8.17
CA SER A 166 -1.23 4.62 8.17
C SER A 166 -0.91 5.01 6.71
N PRO A 167 -1.90 5.46 5.95
CA PRO A 167 -1.65 5.78 4.55
C PRO A 167 -0.74 7.00 4.42
N LEU A 168 0.00 7.03 3.32
CA LEU A 168 0.84 8.18 3.00
C LEU A 168 -0.06 9.30 2.51
N VAL A 169 -0.40 10.23 3.40
CA VAL A 169 -1.19 11.41 3.09
C VAL A 169 -0.37 12.68 3.27
N LEU A 170 0.29 12.81 4.42
CA LEU A 170 1.29 13.83 4.66
C LEU A 170 2.50 13.12 5.23
N ALA A 171 3.65 13.34 4.60
CA ALA A 171 4.89 12.81 5.13
C ALA A 171 5.26 13.56 6.41
N ASN A 172 6.11 12.93 7.20
CA ASN A 172 6.71 13.63 8.34
C ASN A 172 7.29 14.95 7.86
N PRO A 173 6.92 16.08 8.46
CA PRO A 173 7.34 17.38 7.91
C PRO A 173 8.84 17.52 7.75
N GLU A 174 9.63 16.96 8.67
CA GLU A 174 11.08 17.03 8.54
C GLU A 174 11.56 16.18 7.37
N SER A 175 11.02 14.97 7.22
CA SER A 175 11.43 14.11 6.11
CA SER A 175 11.44 14.12 6.11
C SER A 175 10.96 14.67 4.77
N ALA A 176 9.85 15.41 4.76
CA ALA A 176 9.38 16.01 3.51
C ALA A 176 10.26 17.18 3.12
N THR A 177 10.64 18.03 4.09
CA THR A 177 11.47 19.19 3.79
C THR A 177 12.88 18.77 3.41
N THR A 178 13.53 17.97 4.27
CA THR A 178 14.88 17.51 3.99
C THR A 178 14.97 16.84 2.63
N PHE A 179 13.97 16.04 2.28
CA PHE A 179 14.00 15.40 0.97
C PHE A 179 13.75 16.38 -0.16
N LYS A 180 12.80 17.31 0.02
CA LYS A 180 12.51 18.29 -1.01
C LYS A 180 13.74 19.13 -1.38
N VAL A 181 14.72 19.23 -0.49
CA VAL A 181 16.01 19.78 -0.87
C VAL A 181 16.70 18.86 -1.86
N LEU A 182 16.90 17.59 -1.48
CA LEU A 182 17.52 16.63 -2.38
C LEU A 182 16.81 16.58 -3.72
N ALA A 183 15.49 16.75 -3.71
CA ALA A 183 14.72 16.74 -4.95
C ALA A 183 15.09 17.91 -5.84
N ALA A 184 15.25 19.11 -5.25
CA ALA A 184 15.62 20.27 -6.04
C ALA A 184 16.96 20.10 -6.74
N LYS A 185 17.81 19.22 -6.23
CA LYS A 185 19.10 18.95 -6.88
C LYS A 185 18.88 18.12 -8.14
N VAL A 186 18.20 16.98 -7.98
CA VAL A 186 17.89 16.12 -9.11
C VAL A 186 16.98 16.83 -10.12
N LEU A 187 16.04 17.64 -9.63
CA LEU A 187 15.13 18.32 -10.54
C LEU A 187 15.85 19.37 -11.40
N ASN A 188 16.94 19.94 -10.90
CA ASN A 188 17.64 20.98 -11.63
C ASN A 188 18.88 20.48 -12.37
N SER A 189 19.41 19.33 -12.00
CA SER A 189 20.65 18.80 -12.59
C SER A 189 20.41 17.36 -13.05
N VAL A 190 21.48 16.72 -13.52
CA VAL A 190 21.44 15.33 -13.94
C VAL A 190 22.22 14.53 -12.91
N LEU A 191 21.50 13.90 -11.98
CA LEU A 191 22.10 13.16 -10.88
C LEU A 191 21.32 11.86 -10.69
N PRO A 192 21.55 10.87 -11.56
CA PRO A 192 20.65 9.70 -11.59
C PRO A 192 20.83 8.73 -10.43
N ASN A 193 21.94 8.78 -9.70
CA ASN A 193 22.18 7.83 -8.62
C ASN A 193 22.01 8.44 -7.24
N LEU A 194 21.70 9.73 -7.13
CA LEU A 194 21.55 10.36 -5.83
C LEU A 194 20.39 9.73 -5.08
N SER A 195 20.62 9.39 -3.81
CA SER A 195 19.63 8.70 -3.01
C SER A 195 19.66 9.24 -1.59
N SER A 196 18.52 9.14 -0.91
CA SER A 196 18.45 9.45 0.50
C SER A 196 19.04 8.29 1.30
N GLY A 197 19.19 8.50 2.61
CA GLY A 197 19.58 7.44 3.50
C GLY A 197 18.43 6.47 3.66
N PRO A 198 18.74 5.23 4.04
CA PRO A 198 17.66 4.26 4.30
C PRO A 198 16.91 4.62 5.57
N ILE A 199 15.62 4.30 5.58
CA ILE A 199 14.80 4.56 6.76
C ILE A 199 15.11 3.52 7.82
N ASP A 200 15.17 3.98 9.08
CA ASP A 200 15.48 3.09 10.19
C ASP A 200 14.20 2.34 10.56
N SER A 201 14.17 1.03 10.31
CA SER A 201 12.98 0.24 10.58
CA SER A 201 12.97 0.25 10.59
C SER A 201 12.64 0.24 12.06
N SER A 202 13.60 0.50 12.95
CA SER A 202 13.32 0.47 14.37
C SER A 202 12.44 1.63 14.82
N VAL A 203 12.34 2.71 14.05
CA VAL A 203 11.45 3.81 14.40
C VAL A 203 10.07 3.65 13.80
N LEU A 204 9.80 2.53 13.14
CA LEU A 204 8.52 2.29 12.47
C LEU A 204 7.68 1.22 13.14
N SER A 205 8.22 0.48 14.12
CA SER A 205 7.41 -0.39 14.96
C SER A 205 8.09 -0.56 16.30
N ARG A 206 7.31 -0.51 17.39
CA ARG A 206 7.82 -0.79 18.72
C ARG A 206 8.07 -2.26 18.98
N ASN A 207 7.54 -3.14 18.12
CA ASN A 207 7.71 -4.59 18.28
C ASN A 207 9.08 -4.97 17.69
N LYS A 208 10.06 -5.20 18.56
CA LYS A 208 11.41 -5.51 18.13
C LYS A 208 11.46 -6.80 17.33
N THR A 209 10.61 -7.77 17.67
CA THR A 209 10.60 -9.02 16.91
C THR A 209 10.16 -8.78 15.47
N GLU A 210 9.13 -7.94 15.28
CA GLU A 210 8.69 -7.61 13.94
C GLU A 210 9.77 -6.83 13.19
N VAL A 211 10.49 -5.94 13.88
CA VAL A 211 11.58 -5.23 13.22
C VAL A 211 12.64 -6.23 12.74
N ASP A 212 12.99 -7.19 13.59
CA ASP A 212 14.00 -8.18 13.23
C ASP A 212 13.54 -9.05 12.06
N ILE A 213 12.25 -9.42 12.06
CA ILE A 213 11.70 -10.20 10.95
C ILE A 213 11.80 -9.42 9.65
N TYR A 214 11.40 -8.14 9.68
CA TYR A 214 11.45 -7.30 8.50
C TYR A 214 12.88 -7.18 7.98
N ASN A 215 13.85 -7.01 8.89
CA ASN A 215 15.23 -6.87 8.49
C ASN A 215 15.83 -8.18 8.00
N SER A 216 15.15 -9.31 8.19
CA SER A 216 15.65 -10.62 7.79
C SER A 216 15.05 -11.10 6.47
N ASP A 217 14.08 -10.37 5.93
CA ASP A 217 13.35 -10.79 4.74
C ASP A 217 14.15 -10.39 3.49
N PRO A 218 14.64 -11.36 2.71
CA PRO A 218 15.43 -11.01 1.52
C PRO A 218 14.65 -10.29 0.43
N LEU A 219 13.33 -10.25 0.49
CA LEU A 219 12.54 -9.58 -0.54
C LEU A 219 12.33 -8.10 -0.25
N ILE A 220 12.80 -7.63 0.89
CA ILE A 220 12.68 -6.23 1.29
C ILE A 220 13.86 -5.45 0.74
N CYS A 221 13.60 -4.29 0.17
CA CYS A 221 14.66 -3.43 -0.32
C CYS A 221 15.16 -2.55 0.82
N ARG A 222 16.45 -2.71 1.14
CA ARG A 222 17.05 -2.05 2.29
C ARG A 222 17.76 -0.75 1.93
N ALA A 223 18.04 -0.53 0.66
CA ALA A 223 18.79 0.66 0.27
C ALA A 223 17.95 1.92 0.50
N GLY A 224 18.64 3.04 0.57
CA GLY A 224 17.96 4.32 0.64
C GLY A 224 17.18 4.61 -0.63
N LEU A 225 16.20 5.49 -0.49
CA LEU A 225 15.36 5.85 -1.62
C LEU A 225 16.15 6.66 -2.63
N LYS A 226 16.17 6.20 -3.88
CA LYS A 226 16.64 7.04 -4.96
C LYS A 226 15.78 8.31 -5.00
N VAL A 227 16.42 9.44 -5.27
CA VAL A 227 15.70 10.71 -5.25
C VAL A 227 14.57 10.71 -6.28
N CYS A 228 14.79 10.06 -7.43
CA CYS A 228 13.74 10.00 -8.44
CA CYS A 228 13.74 9.98 -8.45
C CYS A 228 12.50 9.29 -7.90
N PHE A 229 12.69 8.26 -7.07
CA PHE A 229 11.53 7.59 -6.49
C PHE A 229 10.87 8.46 -5.43
N GLY A 230 11.68 9.10 -4.58
CA GLY A 230 11.10 9.98 -3.58
C GLY A 230 10.35 11.15 -4.20
N ILE A 231 10.79 11.59 -5.38
CA ILE A 231 10.04 12.60 -6.13
C ILE A 231 8.66 12.06 -6.50
N GLN A 232 8.58 10.77 -6.84
CA GLN A 232 7.29 10.17 -7.13
C GLN A 232 6.42 10.05 -5.88
N LEU A 233 7.04 9.88 -4.71
CA LEU A 233 6.25 9.90 -3.48
C LEU A 233 5.80 11.31 -3.14
N LEU A 234 6.59 12.32 -3.53
CA LEU A 234 6.10 13.69 -3.45
C LEU A 234 4.90 13.88 -4.39
N ASN A 235 4.98 13.31 -5.60
CA ASN A 235 3.84 13.35 -6.51
C ASN A 235 2.63 12.65 -5.91
N ALA A 236 2.84 11.52 -5.24
CA ALA A 236 1.72 10.80 -4.63
C ALA A 236 0.99 11.68 -3.63
N VAL A 237 1.73 12.34 -2.74
CA VAL A 237 1.12 13.21 -1.74
C VAL A 237 0.37 14.36 -2.41
N SER A 238 0.96 14.95 -3.46
CA SER A 238 0.28 16.03 -4.16
CA SER A 238 0.28 16.02 -4.17
C SER A 238 -1.02 15.54 -4.79
N ARG A 239 -1.01 14.35 -5.38
CA ARG A 239 -2.21 13.83 -6.03
C ARG A 239 -3.25 13.40 -5.01
N VAL A 240 -2.81 12.83 -3.87
CA VAL A 240 -3.74 12.52 -2.79
C VAL A 240 -4.46 13.78 -2.32
N GLU A 241 -3.70 14.87 -2.11
CA GLU A 241 -4.30 16.13 -1.67
C GLU A 241 -5.40 16.58 -2.63
N ARG A 242 -5.12 16.53 -3.93
CA ARG A 242 -6.12 16.94 -4.92
C ARG A 242 -7.29 15.97 -4.97
N ALA A 243 -7.06 14.70 -4.61
CA ALA A 243 -8.12 13.70 -4.70
C ALA A 243 -9.09 13.77 -3.53
N LEU A 244 -8.63 14.20 -2.35
CA LEU A 244 -9.44 14.15 -1.14
C LEU A 244 -10.83 14.76 -1.29
N PRO A 245 -11.00 16.02 -1.73
CA PRO A 245 -12.36 16.60 -1.75
C PRO A 245 -13.29 15.94 -2.75
N LYS A 246 -12.81 14.97 -3.53
CA LYS A 246 -13.63 14.20 -4.45
C LYS A 246 -13.82 12.76 -3.99
N LEU A 247 -13.14 12.34 -2.94
CA LEU A 247 -13.19 10.95 -2.49
C LEU A 247 -14.52 10.69 -1.80
N THR A 248 -15.23 9.65 -2.25
CA THR A 248 -16.52 9.30 -1.68
C THR A 248 -16.59 7.87 -1.13
N VAL A 249 -15.57 7.05 -1.35
CA VAL A 249 -15.60 5.64 -0.99
C VAL A 249 -15.68 5.50 0.52
N PRO A 250 -16.44 4.53 1.05
CA PRO A 250 -16.38 4.27 2.49
C PRO A 250 -14.96 3.89 2.90
N PHE A 251 -14.55 4.34 4.08
CA PHE A 251 -13.22 3.93 4.52
C PHE A 251 -13.12 3.81 6.03
N LEU A 252 -12.21 2.93 6.43
CA LEU A 252 -11.72 2.80 7.79
C LEU A 252 -10.27 3.23 7.78
N LEU A 253 -9.91 4.13 8.69
CA LEU A 253 -8.58 4.72 8.74
C LEU A 253 -7.96 4.44 10.11
N LEU A 254 -6.84 3.72 10.12
CA LEU A 254 -6.14 3.35 11.33
C LEU A 254 -4.80 4.07 11.35
N GLN A 255 -4.51 4.77 12.44
CA GLN A 255 -3.33 5.63 12.49
C GLN A 255 -2.72 5.61 13.88
N GLY A 256 -1.40 5.45 13.95
CA GLY A 256 -0.68 5.57 15.21
C GLY A 256 -0.32 7.03 15.50
N SER A 257 -0.36 7.38 16.79
CA SER A 257 -0.06 8.76 17.17
C SER A 257 1.42 9.07 17.10
N ALA A 258 2.28 8.06 17.12
CA ALA A 258 3.73 8.21 17.15
C ALA A 258 4.36 7.76 15.83
N ASP A 259 3.67 8.04 14.73
CA ASP A 259 4.10 7.61 13.40
C ASP A 259 5.15 8.57 12.87
N ARG A 260 6.38 8.07 12.70
CA ARG A 260 7.51 8.89 12.28
C ARG A 260 7.60 9.05 10.77
N LEU A 261 6.74 8.38 10.00
CA LEU A 261 6.83 8.37 8.54
C LEU A 261 5.62 9.04 7.90
N CYS A 262 4.41 8.57 8.21
CA CYS A 262 3.18 9.17 7.71
C CYS A 262 2.59 9.96 8.87
N ASP A 263 2.76 11.27 8.82
CA ASP A 263 2.41 12.11 9.96
C ASP A 263 0.93 12.01 10.25
N SER A 264 0.59 11.87 11.53
CA SER A 264 -0.81 11.68 11.91
C SER A 264 -1.69 12.84 11.45
N LYS A 265 -1.12 14.03 11.25
CA LYS A 265 -1.90 15.15 10.73
C LYS A 265 -2.57 14.79 9.41
N GLY A 266 -1.93 13.96 8.59
CA GLY A 266 -2.54 13.54 7.34
C GLY A 266 -3.79 12.70 7.55
N ALA A 267 -3.79 11.87 8.59
CA ALA A 267 -5.00 11.09 8.90
C ALA A 267 -6.14 12.00 9.29
N TYR A 268 -5.87 13.00 10.12
CA TYR A 268 -6.91 13.96 10.49
C TYR A 268 -7.38 14.76 9.28
N LEU A 269 -6.46 15.13 8.39
CA LEU A 269 -6.86 15.89 7.20
CA LEU A 269 -6.84 15.88 7.20
C LEU A 269 -7.70 15.03 6.27
N LEU A 270 -7.39 13.73 6.17
CA LEU A 270 -8.20 12.83 5.36
C LEU A 270 -9.62 12.73 5.92
N MET A 271 -9.77 12.61 7.24
CA MET A 271 -11.09 12.59 7.85
C MET A 271 -11.83 13.90 7.59
N GLU A 272 -11.11 15.02 7.59
CA GLU A 272 -11.78 16.30 7.40
C GLU A 272 -12.16 16.55 5.95
N LEU A 273 -11.29 16.18 5.02
CA LEU A 273 -11.45 16.64 3.63
C LEU A 273 -12.17 15.65 2.73
N ALA A 274 -12.13 14.35 3.03
CA ALA A 274 -12.85 13.40 2.19
C ALA A 274 -14.36 13.65 2.29
N LYS A 275 -15.06 13.46 1.17
CA LYS A 275 -16.50 13.64 1.17
C LYS A 275 -17.27 12.38 1.53
N SER A 276 -16.57 11.25 1.70
CA SER A 276 -17.20 9.97 2.03
CA SER A 276 -17.21 9.99 2.01
C SER A 276 -18.22 10.13 3.15
N GLN A 277 -19.42 9.58 2.94
CA GLN A 277 -20.42 9.56 3.99
C GLN A 277 -20.15 8.52 5.06
N ASP A 278 -19.25 7.57 4.80
CA ASP A 278 -18.94 6.47 5.73
C ASP A 278 -17.44 6.51 5.98
N LYS A 279 -17.01 7.26 6.99
CA LYS A 279 -15.59 7.35 7.32
C LYS A 279 -15.38 7.27 8.83
N THR A 280 -14.37 6.49 9.21
CA THR A 280 -14.08 6.18 10.60
C THR A 280 -12.58 6.22 10.81
N LEU A 281 -12.16 6.87 11.90
CA LEU A 281 -10.77 6.96 12.28
C LEU A 281 -10.57 6.30 13.64
N LYS A 282 -9.59 5.43 13.73
CA LYS A 282 -9.14 4.89 15.01
C LYS A 282 -7.69 5.29 15.19
N ILE A 283 -7.39 5.98 16.29
CA ILE A 283 -6.04 6.40 16.65
C ILE A 283 -5.50 5.43 17.69
N TYR A 284 -4.28 4.94 17.47
CA TYR A 284 -3.59 4.05 18.40
C TYR A 284 -2.55 4.86 19.14
N GLU A 285 -2.82 5.16 20.41
CA GLU A 285 -2.02 6.13 21.15
C GLU A 285 -0.65 5.55 21.44
N GLY A 286 0.39 6.25 20.99
CA GLY A 286 1.76 5.82 21.19
C GLY A 286 2.27 4.83 20.16
N ALA A 287 1.43 4.32 19.27
CA ALA A 287 1.87 3.31 18.32
C ALA A 287 2.64 3.93 17.17
N TYR A 288 3.56 3.14 16.63
CA TYR A 288 4.38 3.58 15.50
C TYR A 288 3.69 3.30 14.18
N HIS A 289 4.45 3.41 13.10
CA HIS A 289 3.89 3.45 11.74
C HIS A 289 3.21 2.14 11.34
N VAL A 290 3.86 1.00 11.57
CA VAL A 290 3.42 -0.26 10.95
C VAL A 290 2.48 -0.94 11.94
N LEU A 291 1.21 -0.53 11.89
CA LEU A 291 0.25 -0.93 12.94
C LEU A 291 -0.07 -2.41 12.92
N HIS A 292 -0.07 -3.03 11.74
CA HIS A 292 -0.33 -4.47 11.65
C HIS A 292 0.92 -5.30 11.95
N LYS A 293 2.04 -4.65 12.30
CA LYS A 293 3.26 -5.31 12.73
C LYS A 293 3.80 -4.66 13.99
N GLU A 294 2.89 -4.28 14.90
CA GLU A 294 3.22 -3.50 16.08
C GLU A 294 3.17 -4.38 17.33
N LEU A 295 3.11 -3.76 18.50
CA LEU A 295 2.95 -4.54 19.72
C LEU A 295 1.69 -5.39 19.62
N PRO A 296 1.69 -6.57 20.26
CA PRO A 296 0.55 -7.49 20.11
C PRO A 296 -0.81 -6.87 20.41
N GLU A 297 -0.91 -6.03 21.45
CA GLU A 297 -2.21 -5.42 21.75
C GLU A 297 -2.68 -4.52 20.62
N VAL A 298 -1.74 -3.84 19.95
CA VAL A 298 -2.11 -3.00 18.82
C VAL A 298 -2.50 -3.85 17.62
N THR A 299 -1.65 -4.81 17.26
CA THR A 299 -1.91 -5.61 16.07
C THR A 299 -3.18 -6.44 16.22
N ASN A 300 -3.40 -7.03 17.40
CA ASN A 300 -4.64 -7.77 17.62
C ASN A 300 -5.86 -6.88 17.43
N SER A 301 -5.79 -5.65 17.92
CA SER A 301 -6.90 -4.72 17.75
C SER A 301 -7.08 -4.36 16.28
N VAL A 302 -5.98 -4.08 15.58
CA VAL A 302 -6.06 -3.78 14.15
C VAL A 302 -6.79 -4.90 13.41
N PHE A 303 -6.39 -6.15 13.65
CA PHE A 303 -7.06 -7.26 12.97
C PHE A 303 -8.54 -7.31 13.33
N HIS A 304 -8.85 -7.15 14.62
CA HIS A 304 -10.23 -7.19 15.06
C HIS A 304 -11.06 -6.09 14.42
N GLU A 305 -10.52 -4.87 14.36
CA GLU A 305 -11.30 -3.74 13.85
C GLU A 305 -11.51 -3.85 12.34
N ILE A 306 -10.51 -4.35 11.61
CA ILE A 306 -10.71 -4.58 10.19
C ILE A 306 -11.75 -5.69 9.98
N ASN A 307 -11.68 -6.74 10.80
CA ASN A 307 -12.67 -7.80 10.76
C ASN A 307 -14.08 -7.24 10.94
N MET A 308 -14.29 -6.43 11.98
CA MET A 308 -15.61 -5.87 12.23
C MET A 308 -16.07 -4.98 11.08
N TRP A 309 -15.19 -4.10 10.62
CA TRP A 309 -15.55 -3.13 9.59
C TRP A 309 -15.94 -3.83 8.30
N VAL A 310 -15.11 -4.78 7.84
CA VAL A 310 -15.41 -5.49 6.60
C VAL A 310 -16.64 -6.39 6.77
N SER A 311 -16.78 -7.05 7.93
CA SER A 311 -17.94 -7.92 8.16
C SER A 311 -19.23 -7.12 8.10
N GLN A 312 -19.25 -5.93 8.67
CA GLN A 312 -20.47 -5.13 8.66
C GLN A 312 -20.84 -4.67 7.26
N ARG A 313 -19.89 -4.61 6.35
CA ARG A 313 -20.11 -4.10 5.01
C ARG A 313 -20.14 -5.19 3.95
N THR A 314 -20.11 -6.45 4.37
CA THR A 314 -20.31 -7.58 3.46
C THR A 314 -21.47 -8.46 3.89
N ALA A 315 -22.08 -8.20 5.03
CA ALA A 315 -23.22 -8.98 5.51
C ALA A 315 -24.45 -8.71 4.63
#